data_6CCF
#
_entry.id   6CCF
#
_cell.length_a   49.215
_cell.length_b   83.174
_cell.length_c   80.124
_cell.angle_alpha   90.00
_cell.angle_beta   97.27
_cell.angle_gamma   90.00
#
_symmetry.space_group_name_H-M   'P 1 21 1'
#
loop_
_entity.id
_entity.type
_entity.pdbx_description
1 polymer 'Calcium/calmodulin-dependent protein kinase kinase 1'
2 non-polymer N-[2-OXO-3-((E)-PHENYL{[4-(PIPERIDIN-1-YLMETHYL)PHENYL]IMINO}METHYL)-2,6-DIHYDRO-1H-INDOL-5-YL]ETHANESULFONAMIDE
3 non-polymer 'THIOCYANATE ION'
4 non-polymer 1,2-ETHANEDIOL
5 water water
#
_entity_poly.entity_id   1
_entity_poly.type   'polypeptide(L)'
_entity_poly.pdbx_seq_one_letter_code
;SMQLNQYKLQSEIGKGAYGVVRLAYNESEDRHYAMKVLSKKKLLKQYGFPRRPPPRGSQAAQGGPAKQLLPLERVYQEIA
ILKKLDHVNVVKLIEVLDDPAEDNLYLVFDLLRKGPVMEVPCDKPFSEEQARLYLRDVILGLEYLHCQKIVHRDIKPSNL
LLGDDGHVKIADFGVSNQFEGNDAQLSSTAGTPAFMAPEAISDSGQSFSGKALDVWATGVTLYCFVYGKCPFIDDFILAL
HRKIKNEPVVFPEEPEISEELKDLILKMLDKNPETRIGVPDIKLHPWVTK
;
_entity_poly.pdbx_strand_id   A,B
#
loop_
_chem_comp.id
_chem_comp.type
_chem_comp.name
_chem_comp.formula
EDO non-polymer 1,2-ETHANEDIOL 'C2 H6 O2'
H1N non-polymer N-[2-OXO-3-((E)-PHENYL{[4-(PIPERIDIN-1-YLMETHYL)PHENYL]IMINO}METHYL)-2,6-DIHYDRO-1H-INDOL-5-YL]ETHANESULFONAMIDE 'C29 H32 N4 O3 S'
SCN non-polymer 'THIOCYANATE ION' 'C N S -1'
#
# COMPACT_ATOMS: atom_id res chain seq x y z
N MET A 2 -27.94 -5.74 -10.93
CA MET A 2 -27.61 -6.76 -11.98
C MET A 2 -26.92 -8.00 -11.38
N GLN A 3 -27.55 -9.17 -11.61
CA GLN A 3 -27.08 -10.46 -11.13
C GLN A 3 -26.54 -11.22 -12.31
N LEU A 4 -25.33 -11.76 -12.20
CA LEU A 4 -24.69 -12.52 -13.28
C LEU A 4 -24.25 -13.86 -12.67
N ASN A 5 -25.15 -14.84 -12.78
CA ASN A 5 -24.99 -16.15 -12.13
C ASN A 5 -24.83 -15.95 -10.60
N GLN A 6 -23.73 -16.40 -9.98
CA GLN A 6 -23.50 -16.21 -8.54
C GLN A 6 -23.00 -14.82 -8.08
N TYR A 7 -22.82 -13.87 -9.00
CA TYR A 7 -22.32 -12.51 -8.66
C TYR A 7 -23.37 -11.42 -8.75
N LYS A 8 -23.44 -10.57 -7.72
CA LYS A 8 -24.18 -9.32 -7.80
C LYS A 8 -23.21 -8.24 -8.25
N LEU A 9 -23.43 -7.68 -9.43
CA LEU A 9 -22.59 -6.56 -9.91
C LEU A 9 -22.96 -5.30 -9.13
N GLN A 10 -21.95 -4.63 -8.59
CA GLN A 10 -22.14 -3.41 -7.83
C GLN A 10 -21.38 -2.27 -8.54
N SER A 11 -20.77 -1.33 -7.82
CA SER A 11 -20.30 -0.08 -8.43
C SER A 11 -19.01 -0.26 -9.25
N GLU A 12 -18.83 0.67 -10.19
CA GLU A 12 -17.65 0.71 -11.06
C GLU A 12 -16.40 1.14 -10.28
N ILE A 13 -15.26 0.46 -10.51
CA ILE A 13 -13.97 0.85 -9.87
C ILE A 13 -12.85 1.28 -10.83
N GLY A 14 -13.12 1.23 -12.15
CA GLY A 14 -12.13 1.57 -13.17
C GLY A 14 -12.72 1.41 -14.57
N LYS A 15 -12.15 2.10 -15.55
CA LYS A 15 -12.65 2.07 -16.95
C LYS A 15 -11.50 2.04 -17.95
N GLY A 16 -11.81 1.65 -19.18
CA GLY A 16 -10.79 1.58 -20.25
C GLY A 16 -11.37 1.34 -21.63
N ALA A 17 -10.49 1.09 -22.60
CA ALA A 17 -10.89 0.87 -24.01
C ALA A 17 -11.73 -0.40 -24.16
N TYR A 18 -11.27 -1.45 -23.49
CA TYR A 18 -12.04 -2.70 -23.27
C TYR A 18 -13.52 -2.52 -22.85
N GLY A 19 -13.73 -1.63 -21.88
CA GLY A 19 -15.01 -1.54 -21.14
C GLY A 19 -14.74 -1.05 -19.73
N VAL A 20 -15.24 -1.77 -18.71
CA VAL A 20 -15.12 -1.37 -17.30
C VAL A 20 -14.61 -2.49 -16.39
N VAL A 21 -14.24 -2.12 -15.16
CA VAL A 21 -14.12 -3.08 -14.07
C VAL A 21 -15.09 -2.69 -12.96
N ARG A 22 -15.82 -3.67 -12.43
CA ARG A 22 -16.85 -3.45 -11.39
C ARG A 22 -16.67 -4.41 -10.23
N LEU A 23 -17.04 -3.98 -9.03
CA LEU A 23 -17.19 -4.90 -7.91
C LEU A 23 -18.27 -5.94 -8.23
N ALA A 24 -17.97 -7.19 -7.90
CA ALA A 24 -18.89 -8.29 -8.08
C ALA A 24 -18.97 -9.00 -6.74
N TYR A 25 -20.13 -8.94 -6.09
CA TYR A 25 -20.34 -9.61 -4.81
C TYR A 25 -20.85 -11.04 -5.00
N ASN A 26 -20.09 -12.00 -4.47
CA ASN A 26 -20.50 -13.40 -4.40
C ASN A 26 -21.11 -13.58 -3.01
N GLU A 27 -22.45 -13.70 -2.95
CA GLU A 27 -23.14 -13.94 -1.67
C GLU A 27 -22.86 -15.33 -1.12
N SER A 28 -22.89 -16.36 -1.98
CA SER A 28 -22.62 -17.74 -1.54
C SER A 28 -21.22 -17.96 -0.94
N GLU A 29 -20.28 -17.05 -1.19
CA GLU A 29 -18.96 -17.03 -0.54
C GLU A 29 -18.75 -15.86 0.45
N ASP A 30 -19.62 -14.84 0.42
CA ASP A 30 -19.40 -13.57 1.14
C ASP A 30 -18.02 -12.96 0.82
N ARG A 31 -17.68 -12.93 -0.47
CA ARG A 31 -16.43 -12.36 -0.96
C ARG A 31 -16.78 -11.43 -2.13
N HIS A 32 -16.10 -10.28 -2.19
CA HIS A 32 -16.17 -9.40 -3.35
C HIS A 32 -15.06 -9.76 -4.33
N TYR A 33 -15.32 -9.53 -5.61
CA TYR A 33 -14.35 -9.74 -6.69
C TYR A 33 -14.35 -8.52 -7.59
N ALA A 34 -13.33 -8.46 -8.44
CA ALA A 34 -13.25 -7.46 -9.49
C ALA A 34 -13.65 -8.13 -10.79
N MET A 35 -14.74 -7.63 -11.39
CA MET A 35 -15.21 -8.18 -12.67
C MET A 35 -14.88 -7.24 -13.79
N LYS A 36 -14.05 -7.72 -14.71
CA LYS A 36 -13.71 -6.96 -15.90
C LYS A 36 -14.76 -7.31 -16.96
N VAL A 37 -15.51 -6.31 -17.41
CA VAL A 37 -16.55 -6.46 -18.43
C VAL A 37 -16.03 -5.97 -19.79
N LEU A 38 -15.73 -6.90 -20.69
CA LEU A 38 -15.26 -6.58 -22.05
C LEU A 38 -16.41 -6.57 -23.06
N SER A 39 -16.22 -5.83 -24.15
CA SER A 39 -17.16 -5.82 -25.29
C SER A 39 -16.53 -6.60 -26.42
N LYS A 40 -17.24 -7.63 -26.90
CA LYS A 40 -16.75 -8.47 -28.00
C LYS A 40 -16.58 -7.71 -29.33
N LYS A 41 -17.49 -6.77 -29.59
CA LYS A 41 -17.38 -5.85 -30.74
C LYS A 41 -16.09 -5.00 -30.66
N LYS A 42 -15.75 -4.51 -29.47
CA LYS A 42 -14.50 -3.75 -29.25
C LYS A 42 -13.22 -4.60 -29.42
N LEU A 43 -13.27 -5.90 -29.11
CA LEU A 43 -12.07 -6.78 -29.21
C LEU A 43 -11.64 -7.04 -30.65
N GLU A 73 -12.38 -15.46 -31.43
CA GLU A 73 -11.76 -16.66 -31.99
C GLU A 73 -10.43 -16.93 -31.28
N ARG A 74 -9.43 -16.10 -31.59
CA ARG A 74 -8.11 -16.21 -30.95
C ARG A 74 -8.15 -15.78 -29.49
N VAL A 75 -9.05 -14.85 -29.15
CA VAL A 75 -9.14 -14.30 -27.79
C VAL A 75 -9.56 -15.38 -26.78
N TYR A 76 -10.51 -16.25 -27.15
CA TYR A 76 -10.91 -17.38 -26.30
C TYR A 76 -9.73 -18.29 -25.87
N GLN A 77 -8.81 -18.56 -26.80
CA GLN A 77 -7.60 -19.36 -26.52
C GLN A 77 -6.62 -18.63 -25.58
N GLU A 78 -6.42 -17.32 -25.82
CA GLU A 78 -5.51 -16.51 -24.99
C GLU A 78 -6.03 -16.35 -23.56
N ILE A 79 -7.31 -16.06 -23.40
CA ILE A 79 -7.97 -16.03 -22.08
C ILE A 79 -7.83 -17.38 -21.34
N ALA A 80 -7.91 -18.48 -22.08
CA ALA A 80 -7.76 -19.83 -21.50
C ALA A 80 -6.34 -20.06 -20.95
N ILE A 81 -5.33 -19.53 -21.64
CA ILE A 81 -3.95 -19.58 -21.13
C ILE A 81 -3.82 -18.79 -19.82
N LEU A 82 -4.39 -17.59 -19.81
CA LEU A 82 -4.36 -16.71 -18.63
C LEU A 82 -4.99 -17.35 -17.39
N LYS A 83 -6.07 -18.10 -17.59
CA LYS A 83 -6.72 -18.81 -16.49
C LYS A 83 -5.83 -19.89 -15.85
N LYS A 84 -4.92 -20.47 -16.62
CA LYS A 84 -3.95 -21.45 -16.11
C LYS A 84 -2.88 -20.87 -15.18
N LEU A 85 -2.63 -19.56 -15.26
CA LEU A 85 -1.53 -18.93 -14.52
C LEU A 85 -1.80 -18.91 -13.02
N ASP A 86 -0.78 -19.29 -12.26
CA ASP A 86 -0.88 -19.32 -10.81
C ASP A 86 0.42 -18.92 -10.12
N HIS A 87 0.49 -17.65 -9.72
CA HIS A 87 1.66 -17.13 -9.04
C HIS A 87 1.27 -15.99 -8.13
N VAL A 88 1.95 -15.89 -6.99
CA VAL A 88 1.62 -14.87 -5.97
C VAL A 88 1.80 -13.43 -6.44
N ASN A 89 2.66 -13.22 -7.44
CA ASN A 89 2.85 -11.91 -8.05
C ASN A 89 2.17 -11.75 -9.42
N VAL A 90 1.15 -12.57 -9.70
CA VAL A 90 0.29 -12.40 -10.87
C VAL A 90 -1.16 -12.45 -10.41
N VAL A 91 -1.94 -11.46 -10.82
CA VAL A 91 -3.34 -11.36 -10.42
C VAL A 91 -4.10 -12.57 -10.99
N LYS A 92 -4.85 -13.26 -10.15
CA LYS A 92 -5.49 -14.53 -10.51
C LYS A 92 -6.80 -14.27 -11.24
N LEU A 93 -6.92 -14.81 -12.45
CA LEU A 93 -8.19 -14.85 -13.18
C LEU A 93 -8.99 -16.01 -12.62
N ILE A 94 -10.09 -15.73 -11.93
CA ILE A 94 -10.88 -16.75 -11.24
C ILE A 94 -11.77 -17.51 -12.22
N GLU A 95 -12.59 -16.80 -12.99
CA GLU A 95 -13.43 -17.44 -14.01
C GLU A 95 -13.87 -16.47 -15.11
N VAL A 96 -14.40 -17.06 -16.18
CA VAL A 96 -14.90 -16.34 -17.33
C VAL A 96 -16.35 -16.73 -17.57
N LEU A 97 -17.22 -15.73 -17.68
CA LEU A 97 -18.63 -15.94 -17.97
C LEU A 97 -18.92 -15.28 -19.33
N ASP A 98 -19.75 -15.95 -20.10
CA ASP A 98 -19.98 -15.62 -21.48
C ASP A 98 -21.33 -16.16 -21.90
N ASP A 99 -22.20 -15.26 -22.38
CA ASP A 99 -23.37 -15.64 -23.18
C ASP A 99 -22.98 -15.40 -24.67
N PRO A 100 -22.66 -16.47 -25.43
CA PRO A 100 -22.24 -16.28 -26.84
C PRO A 100 -23.21 -15.46 -27.72
N ALA A 101 -24.49 -15.44 -27.37
CA ALA A 101 -25.49 -14.65 -28.07
C ALA A 101 -25.49 -13.17 -27.71
N GLU A 102 -24.57 -12.74 -26.84
CA GLU A 102 -24.55 -11.36 -26.34
C GLU A 102 -23.13 -10.79 -26.33
N ASP A 103 -23.05 -9.47 -26.24
CA ASP A 103 -21.82 -8.73 -26.47
C ASP A 103 -20.79 -8.87 -25.34
N ASN A 104 -21.26 -9.01 -24.11
CA ASN A 104 -20.36 -8.91 -22.95
C ASN A 104 -19.57 -10.20 -22.68
N LEU A 105 -18.36 -9.99 -22.18
CA LEU A 105 -17.49 -11.07 -21.73
C LEU A 105 -16.99 -10.67 -20.36
N TYR A 106 -17.25 -11.51 -19.36
CA TYR A 106 -17.00 -11.17 -17.96
C TYR A 106 -15.83 -12.01 -17.44
N LEU A 107 -14.75 -11.31 -17.09
CA LEU A 107 -13.58 -11.94 -16.48
C LEU A 107 -13.57 -11.56 -15.01
N VAL A 108 -13.62 -12.57 -14.15
CA VAL A 108 -13.68 -12.37 -12.71
C VAL A 108 -12.28 -12.61 -12.15
N PHE A 109 -11.75 -11.61 -11.45
CA PHE A 109 -10.41 -11.69 -10.83
C PHE A 109 -10.50 -11.50 -9.32
N ASP A 110 -9.42 -11.83 -8.62
CA ASP A 110 -9.26 -11.43 -7.22
C ASP A 110 -9.37 -9.90 -7.08
N LEU A 111 -10.05 -9.44 -6.04
CA LEU A 111 -10.16 -8.02 -5.74
C LEU A 111 -9.01 -7.58 -4.83
N LEU A 112 -8.26 -6.59 -5.28
CA LEU A 112 -7.17 -5.99 -4.50
C LEU A 112 -7.58 -4.55 -4.27
N ARG A 113 -8.17 -4.28 -3.10
CA ARG A 113 -8.78 -3.00 -2.81
C ARG A 113 -7.77 -1.85 -2.64
N LYS A 114 -6.49 -2.14 -2.42
CA LYS A 114 -5.50 -1.06 -2.42
C LYS A 114 -5.22 -0.53 -3.83
N GLY A 115 -5.62 -1.27 -4.86
CA GLY A 115 -5.54 -0.80 -6.24
C GLY A 115 -4.11 -0.70 -6.76
N PRO A 116 -3.90 0.06 -7.86
CA PRO A 116 -2.55 0.22 -8.41
C PRO A 116 -1.55 0.79 -7.38
N VAL A 117 -0.35 0.23 -7.35
CA VAL A 117 0.64 0.64 -6.37
C VAL A 117 1.08 2.10 -6.54
N MET A 118 1.15 2.57 -7.80
CA MET A 118 1.51 3.95 -8.08
C MET A 118 0.93 4.40 -9.43
N GLU A 119 0.59 5.69 -9.52
CA GLU A 119 0.20 6.35 -10.77
C GLU A 119 1.25 7.44 -11.08
N VAL A 120 1.66 7.54 -12.33
CA VAL A 120 2.77 8.42 -12.72
C VAL A 120 2.20 9.48 -13.64
N PRO A 121 2.62 10.75 -13.53
CA PRO A 121 3.55 11.23 -12.51
C PRO A 121 2.85 11.41 -11.17
N CYS A 122 3.61 11.34 -10.08
CA CYS A 122 3.09 11.63 -8.75
C CYS A 122 4.05 12.50 -7.98
N ASP A 123 3.53 13.09 -6.91
CA ASP A 123 4.26 14.10 -6.15
C ASP A 123 5.39 13.52 -5.33
N LYS A 124 5.18 12.35 -4.72
CA LYS A 124 6.21 11.75 -3.86
C LYS A 124 6.41 10.28 -4.24
N PRO A 125 7.66 9.89 -4.57
CA PRO A 125 7.95 8.51 -4.89
C PRO A 125 8.09 7.61 -3.67
N PHE A 126 8.36 6.34 -3.92
CA PHE A 126 8.71 5.42 -2.89
C PHE A 126 10.16 5.63 -2.46
N SER A 127 10.47 5.21 -1.24
CA SER A 127 11.86 5.04 -0.83
C SER A 127 12.54 3.95 -1.67
N GLU A 128 13.86 4.06 -1.71
CA GLU A 128 14.68 3.08 -2.40
C GLU A 128 14.43 1.68 -1.83
N GLU A 129 14.29 1.63 -0.52
CA GLU A 129 14.07 0.38 0.20
C GLU A 129 12.72 -0.26 -0.17
N GLN A 130 11.70 0.58 -0.32
CA GLN A 130 10.37 0.15 -0.72
C GLN A 130 10.36 -0.23 -2.18
N ALA A 131 11.04 0.54 -3.00
CA ALA A 131 11.12 0.22 -4.42
C ALA A 131 11.74 -1.15 -4.64
N ARG A 132 12.73 -1.51 -3.81
CA ARG A 132 13.37 -2.83 -3.88
C ARG A 132 12.41 -3.99 -3.62
N LEU A 133 11.56 -3.86 -2.62
CA LEU A 133 10.60 -4.94 -2.33
C LEU A 133 9.66 -5.13 -3.49
N TYR A 134 9.22 -4.02 -4.09
CA TYR A 134 8.34 -4.08 -5.25
C TYR A 134 9.08 -4.55 -6.51
N LEU A 135 10.35 -4.18 -6.69
CA LEU A 135 11.11 -4.70 -7.83
C LEU A 135 11.21 -6.23 -7.76
N ARG A 136 11.52 -6.76 -6.57
CA ARG A 136 11.57 -8.21 -6.33
C ARG A 136 10.28 -8.91 -6.74
N ASP A 137 9.14 -8.34 -6.37
CA ASP A 137 7.83 -8.88 -6.77
C ASP A 137 7.67 -9.00 -8.26
N VAL A 138 7.98 -7.90 -8.95
CA VAL A 138 7.80 -7.79 -10.39
C VAL A 138 8.69 -8.81 -11.09
N ILE A 139 9.94 -8.87 -10.67
CA ILE A 139 10.91 -9.82 -11.25
C ILE A 139 10.49 -11.28 -11.07
N LEU A 140 10.05 -11.65 -9.88
CA LEU A 140 9.54 -13.01 -9.64
C LEU A 140 8.33 -13.30 -10.48
N GLY A 141 7.43 -12.34 -10.59
CA GLY A 141 6.22 -12.49 -11.42
C GLY A 141 6.56 -12.62 -12.89
N LEU A 142 7.51 -11.79 -13.33
CA LEU A 142 7.96 -11.75 -14.71
C LEU A 142 8.70 -13.03 -15.10
N GLU A 143 9.61 -13.46 -14.22
CA GLU A 143 10.30 -14.73 -14.35
C GLU A 143 9.30 -15.87 -14.54
N TYR A 144 8.29 -15.91 -13.67
CA TYR A 144 7.25 -16.92 -13.76
C TYR A 144 6.49 -16.85 -15.08
N LEU A 145 6.09 -15.66 -15.51
CA LEU A 145 5.42 -15.49 -16.79
C LEU A 145 6.29 -15.96 -17.97
N HIS A 146 7.57 -15.59 -17.93
CA HIS A 146 8.51 -15.97 -19.01
C HIS A 146 8.76 -17.49 -19.02
N CYS A 147 8.80 -18.12 -17.86
CA CYS A 147 8.87 -19.57 -17.77
C CYS A 147 7.60 -20.25 -18.35
N GLN A 148 6.45 -19.60 -18.17
CA GLN A 148 5.19 -20.03 -18.80
C GLN A 148 5.03 -19.56 -20.25
N LYS A 149 6.10 -19.02 -20.83
CA LYS A 149 6.14 -18.62 -22.23
C LYS A 149 5.14 -17.49 -22.56
N ILE A 150 5.08 -16.49 -21.67
CA ILE A 150 4.26 -15.30 -21.89
C ILE A 150 5.14 -14.08 -21.75
N VAL A 151 4.99 -13.12 -22.66
CA VAL A 151 5.58 -11.79 -22.53
C VAL A 151 4.43 -10.85 -22.28
N HIS A 152 4.61 -9.96 -21.30
CA HIS A 152 3.51 -9.14 -20.81
C HIS A 152 3.21 -7.95 -21.72
N ARG A 153 4.27 -7.20 -22.02
CA ARG A 153 4.26 -6.05 -22.96
C ARG A 153 3.62 -4.74 -22.47
N ASP A 154 3.15 -4.71 -21.23
CA ASP A 154 2.65 -3.47 -20.64
C ASP A 154 2.98 -3.41 -19.15
N ILE A 155 4.20 -3.81 -18.78
CA ILE A 155 4.67 -3.63 -17.42
C ILE A 155 4.81 -2.14 -17.17
N LYS A 156 4.17 -1.68 -16.09
CA LYS A 156 4.19 -0.29 -15.66
C LYS A 156 3.50 -0.21 -14.29
N PRO A 157 3.77 0.87 -13.52
CA PRO A 157 3.27 0.95 -12.14
C PRO A 157 1.76 0.84 -12.00
N SER A 158 1.01 1.46 -12.91
CA SER A 158 -0.43 1.42 -12.86
C SER A 158 -1.01 0.02 -13.17
N ASN A 159 -0.20 -0.88 -13.73
CA ASN A 159 -0.56 -2.29 -13.95
C ASN A 159 -0.01 -3.24 -12.88
N LEU A 160 0.51 -2.68 -11.80
CA LEU A 160 0.94 -3.46 -10.64
C LEU A 160 -0.01 -3.19 -9.47
N LEU A 161 -0.84 -4.17 -9.15
CA LEU A 161 -1.84 -4.01 -8.09
C LEU A 161 -1.22 -4.35 -6.76
N LEU A 162 -1.51 -3.57 -5.74
CA LEU A 162 -0.95 -3.84 -4.40
C LEU A 162 -1.86 -4.80 -3.65
N GLY A 163 -1.31 -5.96 -3.27
CA GLY A 163 -2.06 -6.97 -2.51
C GLY A 163 -2.19 -6.56 -1.06
N ASP A 164 -3.12 -7.21 -0.35
CA ASP A 164 -3.29 -6.97 1.10
C ASP A 164 -2.07 -7.43 1.92
N ASP A 165 -1.30 -8.38 1.38
CA ASP A 165 -0.04 -8.83 1.97
C ASP A 165 1.18 -7.93 1.69
N GLY A 166 0.98 -6.76 1.09
CA GLY A 166 2.07 -5.85 0.82
C GLY A 166 2.81 -6.10 -0.47
N HIS A 167 2.53 -7.20 -1.17
CA HIS A 167 3.21 -7.50 -2.44
C HIS A 167 2.39 -7.07 -3.64
N VAL A 168 3.10 -6.64 -4.69
CA VAL A 168 2.42 -6.30 -5.93
C VAL A 168 2.18 -7.52 -6.78
N LYS A 169 1.10 -7.46 -7.57
CA LYS A 169 0.75 -8.50 -8.54
C LYS A 169 0.66 -7.87 -9.92
N ILE A 170 1.25 -8.51 -10.93
CA ILE A 170 1.19 -8.04 -12.30
C ILE A 170 -0.23 -8.27 -12.84
N ALA A 171 -0.82 -7.24 -13.45
CA ALA A 171 -2.18 -7.28 -14.00
C ALA A 171 -2.20 -6.76 -15.43
N ASP A 172 -3.37 -6.84 -16.06
CA ASP A 172 -3.61 -6.40 -17.43
C ASP A 172 -2.78 -7.19 -18.45
N PHE A 173 -3.37 -8.27 -18.94
CA PHE A 173 -2.73 -9.11 -19.95
C PHE A 173 -3.27 -8.85 -21.38
N GLY A 174 -3.93 -7.70 -21.59
CA GLY A 174 -4.59 -7.41 -22.85
C GLY A 174 -3.69 -7.30 -24.07
N VAL A 175 -2.41 -6.99 -23.83
CA VAL A 175 -1.42 -6.79 -24.88
C VAL A 175 -0.33 -7.90 -24.83
N SER A 176 -0.50 -8.85 -23.92
CA SER A 176 0.47 -9.95 -23.76
C SER A 176 0.41 -10.92 -24.93
N ASN A 177 1.48 -11.69 -25.09
CA ASN A 177 1.61 -12.68 -26.17
C ASN A 177 2.24 -13.94 -25.62
N GLN A 178 1.64 -15.09 -25.95
CA GLN A 178 2.26 -16.38 -25.68
C GLN A 178 3.25 -16.66 -26.80
N PHE A 179 4.33 -17.36 -26.49
CA PHE A 179 5.35 -17.71 -27.49
C PHE A 179 5.76 -19.16 -27.34
N GLU A 180 6.50 -19.65 -28.33
CA GLU A 180 7.14 -20.96 -28.29
C GLU A 180 8.62 -20.72 -28.28
N GLY A 181 9.39 -21.72 -27.84
CA GLY A 181 10.84 -21.62 -27.82
C GLY A 181 11.34 -20.83 -26.64
N ASN A 182 12.48 -20.17 -26.82
CA ASN A 182 13.14 -19.41 -25.75
C ASN A 182 12.68 -17.96 -25.62
N ASP A 183 11.93 -17.44 -26.59
CA ASP A 183 11.52 -16.03 -26.58
C ASP A 183 10.40 -15.76 -27.58
N ALA A 184 9.74 -14.61 -27.43
CA ALA A 184 8.80 -14.11 -28.42
C ALA A 184 9.55 -13.30 -29.48
N GLN A 185 9.18 -13.50 -30.75
CA GLN A 185 9.69 -12.67 -31.85
C GLN A 185 8.54 -11.81 -32.33
N LEU A 186 8.71 -10.49 -32.27
CA LEU A 186 7.59 -9.55 -32.39
C LEU A 186 7.89 -8.47 -33.42
N SER A 187 6.85 -8.02 -34.10
CA SER A 187 6.96 -6.99 -35.14
C SER A 187 6.13 -5.76 -34.78
N SER A 188 4.85 -5.99 -34.47
CA SER A 188 3.94 -4.92 -34.06
C SER A 188 4.32 -4.38 -32.69
N THR A 189 3.99 -3.12 -32.47
CA THR A 189 4.19 -2.49 -31.20
C THR A 189 2.90 -2.53 -30.44
N ALA A 190 3.02 -2.70 -29.14
CA ALA A 190 1.86 -2.68 -28.29
C ALA A 190 2.32 -2.35 -26.89
N GLY A 191 1.41 -1.76 -26.13
CA GLY A 191 1.67 -1.33 -24.76
C GLY A 191 1.56 0.18 -24.61
N THR A 192 2.31 0.70 -23.65
CA THR A 192 2.24 2.13 -23.31
C THR A 192 3.50 2.80 -23.82
N PRO A 193 3.37 3.86 -24.64
CA PRO A 193 4.53 4.52 -25.25
C PRO A 193 5.75 4.75 -24.33
N ALA A 194 5.53 5.26 -23.12
CA ALA A 194 6.63 5.70 -22.24
C ALA A 194 7.47 4.52 -21.69
N PHE A 195 6.91 3.32 -21.80
CA PHE A 195 7.52 2.08 -21.39
C PHE A 195 8.05 1.21 -22.56
N MET A 196 7.86 1.64 -23.82
CA MET A 196 8.34 0.85 -24.97
C MET A 196 9.82 1.00 -25.18
N ALA A 197 10.49 -0.15 -25.37
CA ALA A 197 11.93 -0.19 -25.55
C ALA A 197 12.32 0.35 -26.95
N PRO A 198 13.54 0.91 -27.06
CA PRO A 198 13.97 1.55 -28.32
C PRO A 198 13.82 0.67 -29.55
N GLU A 199 14.25 -0.57 -29.46
CA GLU A 199 14.13 -1.53 -30.55
C GLU A 199 12.71 -1.77 -31.05
N ALA A 200 11.71 -1.59 -30.17
CA ALA A 200 10.31 -1.76 -30.56
C ALA A 200 9.79 -0.58 -31.38
N ILE A 201 10.36 0.61 -31.21
CA ILE A 201 9.89 1.81 -31.91
C ILE A 201 10.87 2.32 -32.99
N SER A 202 11.90 1.52 -33.30
CA SER A 202 12.95 1.94 -34.22
C SER A 202 12.74 1.28 -35.57
N ASP A 203 13.06 1.99 -36.65
CA ASP A 203 12.95 1.45 -38.01
C ASP A 203 13.96 0.33 -38.20
N SER A 204 13.64 -0.82 -37.62
CA SER A 204 14.54 -1.96 -37.58
C SER A 204 14.61 -2.64 -38.93
N GLY A 205 13.44 -2.82 -39.57
CA GLY A 205 13.30 -3.79 -40.65
C GLY A 205 13.60 -5.19 -40.14
N GLN A 206 13.25 -5.44 -38.88
CA GLN A 206 13.55 -6.70 -38.20
C GLN A 206 12.74 -6.78 -36.91
N SER A 207 12.33 -8.01 -36.59
CA SER A 207 11.57 -8.29 -35.39
C SER A 207 12.49 -8.16 -34.17
N PHE A 208 11.88 -8.16 -32.99
CA PHE A 208 12.61 -7.95 -31.73
C PHE A 208 12.11 -8.91 -30.67
N SER A 209 12.96 -9.12 -29.67
CA SER A 209 12.73 -10.11 -28.62
C SER A 209 11.78 -9.58 -27.54
N GLY A 210 10.77 -10.36 -27.17
CA GLY A 210 9.72 -9.91 -26.26
C GLY A 210 10.12 -9.84 -24.79
N LYS A 211 11.03 -10.71 -24.37
CA LYS A 211 11.47 -10.74 -22.97
C LYS A 211 12.25 -9.48 -22.59
N ALA A 212 13.13 -9.02 -23.48
CA ALA A 212 13.88 -7.79 -23.27
C ALA A 212 13.01 -6.53 -23.26
N LEU A 213 11.86 -6.58 -23.93
CA LEU A 213 10.88 -5.51 -23.85
C LEU A 213 10.35 -5.39 -22.43
N ASP A 214 10.03 -6.52 -21.83
CA ASP A 214 9.57 -6.59 -20.43
C ASP A 214 10.65 -6.13 -19.42
N VAL A 215 11.93 -6.41 -19.69
CA VAL A 215 13.00 -5.91 -18.80
C VAL A 215 13.07 -4.39 -18.86
N TRP A 216 13.06 -3.87 -20.08
CA TRP A 216 13.06 -2.43 -20.30
C TRP A 216 11.90 -1.76 -19.55
N ALA A 217 10.70 -2.31 -19.70
CA ALA A 217 9.50 -1.71 -19.11
C ALA A 217 9.59 -1.75 -17.60
N THR A 218 10.15 -2.82 -17.08
CA THR A 218 10.43 -2.94 -15.66
C THR A 218 11.47 -1.91 -15.18
N GLY A 219 12.43 -1.57 -16.06
CA GLY A 219 13.43 -0.54 -15.79
C GLY A 219 12.81 0.84 -15.72
N VAL A 220 11.90 1.12 -16.65
CA VAL A 220 11.15 2.36 -16.63
C VAL A 220 10.34 2.40 -15.32
N THR A 221 9.65 1.31 -15.00
CA THR A 221 8.85 1.16 -13.78
C THR A 221 9.67 1.41 -12.50
N LEU A 222 10.88 0.85 -12.47
CA LEU A 222 11.78 0.98 -11.34
C LEU A 222 12.17 2.43 -11.13
N TYR A 223 12.55 3.07 -12.23
CA TYR A 223 12.80 4.50 -12.23
C TYR A 223 11.58 5.27 -11.70
N CYS A 224 10.37 4.92 -12.16
CA CYS A 224 9.16 5.53 -11.62
C CYS A 224 8.99 5.31 -10.13
N PHE A 225 9.31 4.12 -9.63
CA PHE A 225 9.19 3.84 -8.20
C PHE A 225 10.00 4.84 -7.34
N VAL A 226 11.19 5.22 -7.78
CA VAL A 226 12.06 6.09 -6.96
C VAL A 226 11.99 7.58 -7.30
N TYR A 227 11.42 7.92 -8.43
CA TYR A 227 11.32 9.30 -8.87
C TYR A 227 9.90 9.84 -9.07
N GLY A 228 8.93 8.96 -9.28
CA GLY A 228 7.53 9.38 -9.45
C GLY A 228 7.22 9.95 -10.81
N LYS A 229 8.09 9.66 -11.78
CA LYS A 229 8.01 10.22 -13.13
C LYS A 229 8.86 9.33 -14.04
N CYS A 230 8.48 9.26 -15.32
CA CYS A 230 9.21 8.44 -16.30
C CYS A 230 10.58 9.06 -16.67
N PRO A 231 11.56 8.20 -17.06
CA PRO A 231 12.87 8.69 -17.46
C PRO A 231 12.86 9.45 -18.79
N PHE A 232 11.95 9.08 -19.68
CA PHE A 232 11.71 9.81 -20.93
C PHE A 232 10.25 10.31 -20.95
N ILE A 233 10.11 11.62 -21.02
CA ILE A 233 8.80 12.28 -20.96
C ILE A 233 8.68 13.23 -22.11
N ASP A 234 7.58 13.11 -22.85
CA ASP A 234 7.12 14.18 -23.74
C ASP A 234 5.64 14.01 -24.09
N ASP A 235 4.91 15.12 -24.14
CA ASP A 235 3.54 15.11 -24.63
C ASP A 235 3.40 14.80 -26.13
N PHE A 236 4.46 15.04 -26.90
CA PHE A 236 4.49 14.77 -28.35
C PHE A 236 5.17 13.43 -28.60
N ILE A 237 4.39 12.47 -29.10
CA ILE A 237 4.84 11.10 -29.28
C ILE A 237 6.14 10.96 -30.10
N LEU A 238 6.28 11.70 -31.19
CA LEU A 238 7.53 11.67 -31.95
C LEU A 238 8.74 12.16 -31.13
N ALA A 239 8.51 13.15 -30.27
CA ALA A 239 9.55 13.63 -29.35
C ALA A 239 9.84 12.61 -28.23
N LEU A 240 8.80 11.91 -27.79
CA LEU A 240 8.99 10.83 -26.82
C LEU A 240 9.81 9.70 -27.41
N HIS A 241 9.43 9.28 -28.60
CA HIS A 241 10.19 8.24 -29.33
C HIS A 241 11.66 8.61 -29.55
N ARG A 242 11.90 9.87 -29.94
CA ARG A 242 13.27 10.37 -30.10
C ARG A 242 14.05 10.21 -28.80
N LYS A 243 13.44 10.64 -27.69
CA LYS A 243 14.09 10.57 -26.38
C LYS A 243 14.42 9.16 -25.97
N ILE A 244 13.43 8.27 -26.09
CA ILE A 244 13.65 6.85 -25.82
C ILE A 244 14.82 6.30 -26.66
N LYS A 245 14.85 6.64 -27.94
CA LYS A 245 15.87 6.09 -28.83
C LYS A 245 17.24 6.76 -28.72
N ASN A 246 17.28 8.07 -28.43
CA ASN A 246 18.51 8.87 -28.54
C ASN A 246 19.08 9.48 -27.25
N GLU A 247 18.28 9.66 -26.20
CA GLU A 247 18.75 10.32 -24.97
C GLU A 247 19.17 9.30 -23.90
N PRO A 248 20.30 9.56 -23.21
CA PRO A 248 20.68 8.67 -22.12
C PRO A 248 19.75 8.88 -20.91
N VAL A 249 19.73 7.92 -19.99
CA VAL A 249 18.96 8.09 -18.76
C VAL A 249 19.66 9.19 -17.96
N VAL A 250 18.88 10.16 -17.48
CA VAL A 250 19.39 11.24 -16.62
C VAL A 250 18.71 11.14 -15.23
N PHE A 251 19.52 10.92 -14.20
CA PHE A 251 19.04 10.79 -12.83
C PHE A 251 18.91 12.16 -12.21
N PRO A 252 17.70 12.55 -11.75
CA PRO A 252 17.52 13.84 -11.06
C PRO A 252 18.50 13.98 -9.90
N GLU A 253 18.94 15.21 -9.62
CA GLU A 253 19.87 15.42 -8.50
C GLU A 253 19.21 15.10 -7.16
N GLU A 254 17.89 15.32 -7.05
CA GLU A 254 17.11 14.88 -5.91
C GLU A 254 15.82 14.13 -6.35
N PRO A 255 15.36 13.14 -5.60
CA PRO A 255 16.06 12.57 -4.45
C PRO A 255 17.29 11.79 -4.89
N GLU A 256 18.27 11.68 -4.00
CA GLU A 256 19.43 10.86 -4.26
C GLU A 256 19.08 9.37 -4.14
N ILE A 257 19.70 8.58 -4.99
CA ILE A 257 19.59 7.14 -4.93
C ILE A 257 21.01 6.55 -4.91
N SER A 258 21.09 5.27 -4.61
CA SER A 258 22.39 4.62 -4.47
C SER A 258 23.01 4.40 -5.86
N GLU A 259 24.33 4.42 -5.88
CA GLU A 259 25.09 4.10 -7.07
C GLU A 259 24.72 2.71 -7.59
N GLU A 260 24.47 1.78 -6.68
CA GLU A 260 24.07 0.41 -7.04
C GLU A 260 22.71 0.40 -7.78
N LEU A 261 21.75 1.20 -7.33
CA LEU A 261 20.46 1.27 -8.04
C LEU A 261 20.62 1.92 -9.42
N LYS A 262 21.43 2.98 -9.50
CA LYS A 262 21.77 3.62 -10.77
C LYS A 262 22.35 2.62 -11.75
N ASP A 263 23.28 1.81 -11.29
CA ASP A 263 23.88 0.76 -12.09
C ASP A 263 22.82 -0.21 -12.65
N LEU A 264 21.93 -0.71 -11.78
CA LEU A 264 20.86 -1.62 -12.22
C LEU A 264 19.94 -0.93 -13.23
N ILE A 265 19.54 0.32 -12.96
CA ILE A 265 18.62 1.03 -13.87
C ILE A 265 19.27 1.24 -15.25
N LEU A 266 20.56 1.60 -15.27
CA LEU A 266 21.27 1.78 -16.55
C LEU A 266 21.40 0.48 -17.35
N LYS A 267 21.58 -0.65 -16.66
CA LYS A 267 21.63 -1.95 -17.34
C LYS A 267 20.26 -2.39 -17.82
N MET A 268 19.21 -2.11 -17.06
CA MET A 268 17.85 -2.46 -17.49
C MET A 268 17.38 -1.55 -18.63
N LEU A 269 17.84 -0.30 -18.65
CA LEU A 269 17.54 0.65 -19.71
C LEU A 269 18.72 0.81 -20.70
N ASP A 270 19.42 -0.28 -20.93
CA ASP A 270 20.42 -0.36 -22.00
C ASP A 270 19.65 -0.34 -23.31
N LYS A 271 19.94 0.64 -24.17
CA LYS A 271 19.20 0.75 -25.44
C LYS A 271 19.40 -0.44 -26.38
N ASN A 272 20.50 -1.19 -26.19
CA ASN A 272 20.77 -2.40 -26.94
C ASN A 272 20.19 -3.64 -26.24
N PRO A 273 19.15 -4.27 -26.83
CA PRO A 273 18.61 -5.47 -26.20
C PRO A 273 19.58 -6.65 -26.11
N GLU A 274 20.64 -6.68 -26.93
CA GLU A 274 21.60 -7.77 -26.89
C GLU A 274 22.38 -7.77 -25.60
N THR A 275 22.77 -6.60 -25.12
CA THR A 275 23.53 -6.49 -23.88
C THR A 275 22.67 -6.13 -22.64
N ARG A 276 21.44 -5.67 -22.85
CA ARG A 276 20.53 -5.34 -21.71
C ARG A 276 20.45 -6.52 -20.74
N ILE A 277 20.59 -6.21 -19.46
CA ILE A 277 20.59 -7.23 -18.43
C ILE A 277 19.33 -8.11 -18.52
N GLY A 278 19.47 -9.40 -18.24
CA GLY A 278 18.35 -10.35 -18.22
C GLY A 278 17.84 -10.56 -16.80
N VAL A 279 16.68 -11.21 -16.70
CA VAL A 279 16.08 -11.52 -15.39
C VAL A 279 17.04 -12.32 -14.48
N PRO A 280 17.69 -13.39 -15.00
CA PRO A 280 18.63 -14.11 -14.14
C PRO A 280 19.70 -13.22 -13.50
N ASP A 281 20.27 -12.30 -14.25
CA ASP A 281 21.29 -11.39 -13.71
C ASP A 281 20.70 -10.29 -12.84
N ILE A 282 19.48 -9.85 -13.14
CA ILE A 282 18.79 -8.87 -12.29
C ILE A 282 18.67 -9.45 -10.88
N LYS A 283 18.21 -10.70 -10.81
CA LYS A 283 18.09 -11.45 -9.55
C LYS A 283 19.40 -11.51 -8.74
N LEU A 284 20.54 -11.54 -9.43
CA LEU A 284 21.87 -11.56 -8.76
C LEU A 284 22.48 -10.19 -8.55
N HIS A 285 21.85 -9.13 -9.05
CA HIS A 285 22.41 -7.78 -8.94
C HIS A 285 22.53 -7.38 -7.45
N PRO A 286 23.65 -6.73 -7.05
CA PRO A 286 23.87 -6.39 -5.63
C PRO A 286 22.77 -5.56 -4.97
N TRP A 287 22.16 -4.67 -5.73
CA TRP A 287 21.03 -3.88 -5.24
C TRP A 287 19.82 -4.74 -4.89
N VAL A 288 19.57 -5.73 -5.74
CA VAL A 288 18.42 -6.63 -5.58
C VAL A 288 18.61 -7.55 -4.39
N THR A 289 19.83 -8.07 -4.25
CA THR A 289 20.16 -9.00 -3.17
C THR A 289 20.49 -8.35 -1.82
N LYS A 290 20.77 -7.05 -1.78
CA LYS A 290 21.23 -6.37 -0.55
C LYS A 290 20.16 -6.31 0.53
N MET B 2 -22.55 19.20 -2.07
CA MET B 2 -22.56 19.62 -0.63
C MET B 2 -21.48 20.66 -0.32
N GLN B 3 -21.69 21.86 -0.84
CA GLN B 3 -20.74 22.97 -0.76
C GLN B 3 -20.52 23.44 0.69
N LEU B 4 -19.42 22.99 1.30
CA LEU B 4 -18.92 23.57 2.54
C LEU B 4 -17.70 24.38 2.16
N ASN B 5 -17.92 25.67 1.91
CA ASN B 5 -16.90 26.57 1.38
C ASN B 5 -16.35 26.00 0.05
N GLN B 6 -15.12 25.50 0.04
CA GLN B 6 -14.48 25.03 -1.20
C GLN B 6 -14.56 23.49 -1.38
N TYR B 7 -15.44 22.81 -0.63
CA TYR B 7 -15.51 21.34 -0.60
C TYR B 7 -16.90 20.85 -0.93
N LYS B 8 -16.99 19.87 -1.83
CA LYS B 8 -18.24 19.13 -2.05
C LYS B 8 -18.13 17.77 -1.35
N LEU B 9 -19.10 17.46 -0.49
CA LEU B 9 -19.11 16.20 0.24
C LEU B 9 -19.75 15.10 -0.58
N GLN B 10 -19.02 13.99 -0.70
CA GLN B 10 -19.39 12.88 -1.55
C GLN B 10 -19.67 11.68 -0.64
N SER B 11 -19.29 10.46 -1.01
CA SER B 11 -19.63 9.27 -0.23
C SER B 11 -19.00 9.27 1.16
N GLU B 12 -19.60 8.49 2.04
CA GLU B 12 -19.07 8.22 3.34
C GLU B 12 -18.03 7.12 3.22
N ILE B 13 -16.81 7.36 3.72
CA ILE B 13 -15.73 6.35 3.66
C ILE B 13 -15.35 5.73 5.01
N GLY B 14 -15.98 6.18 6.09
CA GLY B 14 -15.78 5.58 7.40
C GLY B 14 -16.76 6.11 8.43
N LYS B 15 -16.85 5.45 9.58
CA LYS B 15 -17.81 5.80 10.64
C LYS B 15 -17.26 5.44 12.01
N GLY B 16 -17.96 5.87 13.05
CA GLY B 16 -17.54 5.62 14.45
C GLY B 16 -18.30 6.48 15.45
N ALA B 17 -17.91 6.37 16.72
CA ALA B 17 -18.58 7.06 17.84
C ALA B 17 -18.57 8.59 17.72
N TYR B 18 -17.45 9.11 17.19
CA TYR B 18 -17.28 10.51 16.80
C TYR B 18 -18.38 11.12 15.88
N GLY B 19 -18.68 10.40 14.80
CA GLY B 19 -19.45 10.91 13.67
C GLY B 19 -19.03 10.09 12.45
N VAL B 20 -18.58 10.74 11.38
CA VAL B 20 -18.22 10.04 10.14
C VAL B 20 -17.05 10.71 9.42
N VAL B 21 -16.44 9.98 8.48
CA VAL B 21 -15.46 10.55 7.54
C VAL B 21 -16.06 10.50 6.15
N ARG B 22 -16.04 11.65 5.46
CA ARG B 22 -16.60 11.77 4.12
C ARG B 22 -15.47 12.04 3.13
N LEU B 23 -15.56 11.45 1.95
CA LEU B 23 -14.76 11.88 0.82
C LEU B 23 -15.26 13.27 0.45
N ALA B 24 -14.32 14.18 0.20
CA ALA B 24 -14.66 15.57 -0.10
C ALA B 24 -13.83 16.05 -1.28
N TYR B 25 -14.49 16.65 -2.27
CA TYR B 25 -13.82 17.11 -3.49
C TYR B 25 -13.70 18.62 -3.46
N ASN B 26 -12.48 19.11 -3.67
CA ASN B 26 -12.19 20.54 -3.78
C ASN B 26 -11.99 20.84 -5.26
N GLU B 27 -13.06 21.29 -5.91
CA GLU B 27 -13.06 21.54 -7.35
C GLU B 27 -12.16 22.71 -7.75
N SER B 28 -11.97 23.66 -6.83
CA SER B 28 -10.96 24.71 -6.97
C SER B 28 -9.57 24.11 -7.24
N GLU B 29 -9.16 23.16 -6.41
CA GLU B 29 -7.84 22.53 -6.53
C GLU B 29 -7.79 21.25 -7.37
N ASP B 30 -8.96 20.74 -7.77
CA ASP B 30 -9.10 19.40 -8.35
C ASP B 30 -8.38 18.34 -7.50
N ARG B 31 -8.73 18.31 -6.22
CA ARG B 31 -8.11 17.39 -5.26
C ARG B 31 -9.19 16.87 -4.31
N HIS B 32 -9.09 15.59 -3.97
CA HIS B 32 -9.97 14.99 -2.98
C HIS B 32 -9.31 15.05 -1.61
N TYR B 33 -10.15 15.14 -0.58
CA TYR B 33 -9.76 15.18 0.82
C TYR B 33 -10.64 14.21 1.62
N ALA B 34 -10.20 13.91 2.84
CA ALA B 34 -10.98 13.14 3.80
C ALA B 34 -11.44 14.11 4.85
N MET B 35 -12.75 14.21 5.03
CA MET B 35 -13.33 15.12 6.01
C MET B 35 -14.00 14.36 7.14
N LYS B 36 -13.47 14.53 8.34
CA LYS B 36 -14.02 13.92 9.52
C LYS B 36 -15.06 14.90 10.04
N VAL B 37 -16.32 14.47 10.06
CA VAL B 37 -17.43 15.29 10.57
C VAL B 37 -17.77 14.84 11.99
N LEU B 38 -17.43 15.67 12.97
CA LEU B 38 -17.71 15.40 14.38
C LEU B 38 -18.98 16.12 14.81
N SER B 39 -19.58 15.66 15.90
CA SER B 39 -20.75 16.29 16.50
C SER B 39 -20.29 16.92 17.82
N LYS B 40 -20.58 18.20 18.02
CA LYS B 40 -20.19 18.89 19.25
C LYS B 40 -20.98 18.32 20.43
N LYS B 41 -22.29 18.08 20.21
CA LYS B 41 -23.14 17.37 21.18
C LYS B 41 -22.46 16.09 21.68
N LYS B 42 -22.13 15.19 20.76
CA LYS B 42 -21.38 13.96 21.10
C LYS B 42 -20.04 14.25 21.80
N LEU B 43 -19.30 15.24 21.31
CA LEU B 43 -18.01 15.61 21.89
C LEU B 43 -18.12 16.16 23.32
N LEU B 44 -19.16 16.93 23.60
CA LEU B 44 -19.43 17.41 24.97
C LEU B 44 -19.68 16.19 25.88
N LYS B 45 -20.66 15.37 25.53
CA LYS B 45 -20.94 14.11 26.26
C LYS B 45 -19.90 13.03 25.95
N GLU B 73 -14.61 24.31 24.81
CA GLU B 73 -13.41 25.12 24.63
C GLU B 73 -12.12 24.29 24.71
N ARG B 74 -12.11 23.29 25.61
CA ARG B 74 -11.03 22.29 25.69
C ARG B 74 -10.97 21.43 24.41
N VAL B 75 -12.11 21.22 23.77
CA VAL B 75 -12.18 20.54 22.48
C VAL B 75 -11.46 21.40 21.42
N TYR B 76 -11.81 22.69 21.38
CA TYR B 76 -11.17 23.63 20.46
C TYR B 76 -9.66 23.77 20.70
N GLN B 77 -9.23 23.79 21.97
CA GLN B 77 -7.80 23.89 22.30
C GLN B 77 -7.04 22.63 21.87
N GLU B 78 -7.65 21.47 22.05
CA GLU B 78 -7.05 20.21 21.57
C GLU B 78 -6.93 20.15 20.05
N ILE B 79 -7.97 20.55 19.36
CA ILE B 79 -7.96 20.60 17.89
C ILE B 79 -6.89 21.58 17.37
N ALA B 80 -6.69 22.71 18.04
CA ALA B 80 -5.64 23.65 17.69
C ALA B 80 -4.24 23.05 17.84
N ILE B 81 -4.05 22.21 18.85
CA ILE B 81 -2.78 21.50 19.03
C ILE B 81 -2.58 20.53 17.86
N LEU B 82 -3.60 19.74 17.54
CA LEU B 82 -3.56 18.79 16.43
C LEU B 82 -3.19 19.44 15.09
N LYS B 83 -3.73 20.63 14.84
CA LYS B 83 -3.41 21.42 13.63
C LYS B 83 -1.94 21.77 13.53
N LYS B 84 -1.26 21.90 14.68
CA LYS B 84 0.17 22.20 14.74
C LYS B 84 1.10 21.00 14.49
N LEU B 85 0.56 19.79 14.38
CA LEU B 85 1.37 18.59 14.08
C LEU B 85 1.75 18.55 12.61
N ASP B 86 3.04 18.40 12.33
CA ASP B 86 3.52 18.33 10.97
C ASP B 86 4.68 17.35 10.96
N HIS B 87 4.40 16.11 10.54
CA HIS B 87 5.39 15.07 10.40
C HIS B 87 4.91 14.10 9.34
N VAL B 88 5.87 13.57 8.58
CA VAL B 88 5.57 12.69 7.46
C VAL B 88 4.79 11.43 7.84
N ASN B 89 4.98 10.95 9.07
CA ASN B 89 4.33 9.74 9.55
C ASN B 89 3.16 10.05 10.50
N VAL B 90 2.59 11.25 10.39
CA VAL B 90 1.35 11.62 11.11
C VAL B 90 0.42 12.27 10.10
N VAL B 91 -0.85 11.84 10.06
CA VAL B 91 -1.82 12.43 9.14
C VAL B 91 -1.96 13.89 9.50
N LYS B 92 -1.97 14.76 8.48
CA LYS B 92 -2.02 16.22 8.69
C LYS B 92 -3.47 16.70 8.71
N LEU B 93 -3.83 17.41 9.77
CA LEU B 93 -5.10 18.14 9.85
C LEU B 93 -4.87 19.46 9.14
N ILE B 94 -5.49 19.63 7.98
CA ILE B 94 -5.23 20.77 7.12
C ILE B 94 -6.00 22.00 7.61
N GLU B 95 -7.29 21.82 7.84
CA GLU B 95 -8.08 22.89 8.45
C GLU B 95 -9.30 22.36 9.15
N VAL B 96 -9.86 23.22 9.98
CA VAL B 96 -11.08 22.97 10.72
C VAL B 96 -12.11 24.01 10.26
N LEU B 97 -13.30 23.54 9.89
CA LEU B 97 -14.40 24.39 9.48
C LEU B 97 -15.49 24.27 10.53
N ASP B 98 -16.09 25.41 10.89
CA ASP B 98 -17.08 25.47 11.95
C ASP B 98 -18.12 26.56 11.69
N ASP B 99 -19.39 26.17 11.67
CA ASP B 99 -20.52 27.12 11.83
C ASP B 99 -20.99 26.99 13.30
N PRO B 100 -20.68 28.00 14.16
CA PRO B 100 -21.05 27.93 15.61
C PRO B 100 -22.54 27.80 15.91
N ALA B 101 -23.41 28.15 14.97
CA ALA B 101 -24.84 27.96 15.13
C ALA B 101 -25.25 26.49 15.05
N GLU B 102 -24.41 25.63 14.48
CA GLU B 102 -24.78 24.24 14.19
C GLU B 102 -23.83 23.22 14.87
N ASP B 103 -24.23 21.96 14.85
CA ASP B 103 -23.60 20.92 15.63
C ASP B 103 -22.32 20.37 15.00
N ASN B 104 -22.21 20.44 13.69
CA ASN B 104 -21.10 19.82 12.99
C ASN B 104 -19.79 20.55 13.16
N LEU B 105 -18.72 19.76 13.22
CA LEU B 105 -17.38 20.27 13.21
C LEU B 105 -16.65 19.50 12.10
N TYR B 106 -16.05 20.23 11.16
CA TYR B 106 -15.52 19.62 9.95
C TYR B 106 -13.99 19.72 9.98
N LEU B 107 -13.33 18.57 10.15
CA LEU B 107 -11.87 18.49 10.18
C LEU B 107 -11.45 17.94 8.82
N VAL B 108 -10.67 18.73 8.09
CA VAL B 108 -10.22 18.36 6.75
C VAL B 108 -8.82 17.78 6.80
N PHE B 109 -8.67 16.54 6.32
CA PHE B 109 -7.39 15.84 6.24
C PHE B 109 -7.06 15.50 4.81
N ASP B 110 -5.79 15.20 4.55
CA ASP B 110 -5.37 14.65 3.26
C ASP B 110 -6.08 13.29 3.07
N LEU B 111 -6.48 13.00 1.82
CA LEU B 111 -7.02 11.69 1.45
C LEU B 111 -5.86 10.72 1.18
N LEU B 112 -5.85 9.61 1.91
CA LEU B 112 -4.94 8.49 1.66
C LEU B 112 -5.82 7.34 1.16
N ARG B 113 -5.89 7.23 -0.17
CA ARG B 113 -6.76 6.27 -0.88
C ARG B 113 -6.50 4.83 -0.53
N LYS B 114 -5.27 4.48 -0.20
CA LYS B 114 -4.94 3.09 0.14
C LYS B 114 -5.55 2.64 1.47
N GLY B 115 -5.93 3.58 2.35
CA GLY B 115 -6.64 3.27 3.58
C GLY B 115 -5.71 2.76 4.67
N PRO B 116 -6.28 2.09 5.70
CA PRO B 116 -5.49 1.47 6.74
C PRO B 116 -4.55 0.44 6.16
N VAL B 117 -3.31 0.40 6.67
CA VAL B 117 -2.28 -0.43 6.08
C VAL B 117 -2.61 -1.93 6.18
N MET B 118 -3.30 -2.32 7.25
CA MET B 118 -3.69 -3.71 7.51
C MET B 118 -4.98 -3.74 8.36
N GLU B 119 -5.77 -4.80 8.23
CA GLU B 119 -6.90 -5.08 9.12
C GLU B 119 -6.61 -6.44 9.74
N VAL B 120 -6.71 -6.56 11.07
CA VAL B 120 -6.46 -7.84 11.74
C VAL B 120 -7.76 -8.39 12.34
N PRO B 121 -8.00 -9.71 12.26
CA PRO B 121 -7.11 -10.69 11.65
C PRO B 121 -7.18 -10.67 10.13
N CYS B 122 -6.11 -11.08 9.48
CA CYS B 122 -6.10 -11.21 8.01
C CYS B 122 -5.39 -12.47 7.56
N ASP B 123 -5.75 -12.93 6.36
CA ASP B 123 -5.23 -14.18 5.78
C ASP B 123 -3.72 -14.23 5.61
N LYS B 124 -3.12 -13.12 5.19
CA LYS B 124 -1.68 -13.09 4.89
C LYS B 124 -1.03 -11.80 5.40
N PRO B 125 0.00 -11.94 6.23
CA PRO B 125 0.69 -10.77 6.76
C PRO B 125 1.74 -10.19 5.79
N PHE B 126 2.49 -9.18 6.25
CA PHE B 126 3.55 -8.59 5.46
C PHE B 126 4.79 -9.41 5.65
N SER B 127 5.72 -9.29 4.71
CA SER B 127 7.03 -9.86 4.87
C SER B 127 7.74 -9.09 5.98
N GLU B 128 8.76 -9.72 6.55
CA GLU B 128 9.51 -9.12 7.62
C GLU B 128 10.13 -7.81 7.18
N GLU B 129 10.62 -7.77 5.93
CA GLU B 129 11.28 -6.60 5.38
C GLU B 129 10.29 -5.45 5.15
N GLN B 130 9.07 -5.78 4.71
CA GLN B 130 8.03 -4.76 4.60
C GLN B 130 7.63 -4.26 5.98
N ALA B 131 7.52 -5.19 6.93
CA ALA B 131 7.20 -4.81 8.32
C ALA B 131 8.25 -3.87 8.91
N ARG B 132 9.51 -4.01 8.48
CA ARG B 132 10.56 -3.15 8.99
C ARG B 132 10.33 -1.71 8.59
N LEU B 133 9.96 -1.51 7.33
CA LEU B 133 9.75 -0.19 6.81
C LEU B 133 8.60 0.50 7.54
N TYR B 134 7.52 -0.25 7.80
CA TYR B 134 6.37 0.30 8.51
C TYR B 134 6.65 0.53 9.99
N LEU B 135 7.43 -0.34 10.63
CA LEU B 135 7.81 -0.15 12.02
C LEU B 135 8.61 1.16 12.14
N ARG B 136 9.60 1.34 11.26
CA ARG B 136 10.35 2.61 11.23
C ARG B 136 9.42 3.82 11.09
N ASP B 137 8.44 3.73 10.19
CA ASP B 137 7.43 4.78 10.04
C ASP B 137 6.75 5.06 11.37
N VAL B 138 6.18 4.03 11.97
CA VAL B 138 5.41 4.20 13.21
C VAL B 138 6.29 4.80 14.32
N ILE B 139 7.50 4.28 14.50
CA ILE B 139 8.43 4.80 15.52
C ILE B 139 8.85 6.26 15.30
N LEU B 140 9.16 6.66 14.08
CA LEU B 140 9.48 8.07 13.83
C LEU B 140 8.27 8.97 14.10
N GLY B 141 7.10 8.52 13.68
CA GLY B 141 5.85 9.21 13.97
C GLY B 141 5.61 9.32 15.47
N LEU B 142 5.77 8.22 16.18
CA LEU B 142 5.51 8.17 17.62
C LEU B 142 6.53 8.97 18.45
N GLU B 143 7.80 8.91 18.03
CA GLU B 143 8.83 9.81 18.60
C GLU B 143 8.43 11.27 18.46
N TYR B 144 8.00 11.64 17.26
CA TYR B 144 7.54 12.99 17.00
C TYR B 144 6.40 13.38 17.96
N LEU B 145 5.36 12.56 18.02
CA LEU B 145 4.24 12.76 18.94
C LEU B 145 4.69 12.94 20.39
N HIS B 146 5.53 12.02 20.86
CA HIS B 146 6.01 12.08 22.24
C HIS B 146 6.80 13.37 22.54
N CYS B 147 7.59 13.83 21.57
CA CYS B 147 8.33 15.09 21.66
C CYS B 147 7.41 16.31 21.59
N GLN B 148 6.23 16.17 20.97
CA GLN B 148 5.18 17.18 21.04
C GLN B 148 4.34 17.06 22.31
N LYS B 149 4.79 16.25 23.28
CA LYS B 149 4.04 15.95 24.50
C LYS B 149 2.64 15.41 24.23
N ILE B 150 2.53 14.49 23.27
CA ILE B 150 1.28 13.74 23.03
C ILE B 150 1.57 12.27 23.09
N VAL B 151 0.75 11.54 23.85
CA VAL B 151 0.72 10.07 23.83
C VAL B 151 -0.53 9.69 23.07
N HIS B 152 -0.37 8.81 22.09
CA HIS B 152 -1.43 8.55 21.14
C HIS B 152 -2.57 7.72 21.72
N ARG B 153 -2.21 6.62 22.38
CA ARG B 153 -3.14 5.76 23.16
C ARG B 153 -4.03 4.82 22.37
N ASP B 154 -3.81 4.72 21.06
CA ASP B 154 -4.58 3.78 20.24
C ASP B 154 -3.83 3.44 18.95
N ILE B 155 -2.56 3.04 19.14
CA ILE B 155 -1.73 2.55 18.04
C ILE B 155 -2.18 1.13 17.73
N LYS B 156 -2.58 0.93 16.49
CA LYS B 156 -2.92 -0.36 15.97
C LYS B 156 -2.87 -0.24 14.46
N PRO B 157 -2.78 -1.38 13.74
CA PRO B 157 -2.65 -1.31 12.28
C PRO B 157 -3.75 -0.52 11.57
N SER B 158 -4.98 -0.56 12.08
CA SER B 158 -6.12 0.10 11.44
C SER B 158 -6.10 1.61 11.63
N ASN B 159 -5.29 2.11 12.57
CA ASN B 159 -5.02 3.54 12.71
C ASN B 159 -3.72 4.01 12.01
N LEU B 160 -3.20 3.21 11.10
CA LEU B 160 -2.02 3.57 10.33
C LEU B 160 -2.45 3.63 8.89
N LEU B 161 -2.52 4.82 8.31
CA LEU B 161 -3.01 4.94 6.93
C LEU B 161 -1.80 4.86 6.01
N LEU B 162 -1.95 4.11 4.91
CA LEU B 162 -0.88 3.94 3.92
C LEU B 162 -0.89 5.08 2.94
N GLY B 163 0.10 5.97 3.02
CA GLY B 163 0.18 7.07 2.08
C GLY B 163 0.59 6.60 0.69
N ASP B 164 0.44 7.49 -0.29
CA ASP B 164 0.81 7.20 -1.68
C ASP B 164 2.33 7.05 -1.90
N ASP B 165 3.15 7.60 -1.00
CA ASP B 165 4.61 7.40 -0.95
C ASP B 165 5.09 6.11 -0.28
N GLY B 166 4.15 5.18 -0.04
CA GLY B 166 4.46 3.94 0.62
C GLY B 166 4.74 3.99 2.12
N HIS B 167 4.73 5.18 2.73
CA HIS B 167 4.96 5.33 4.16
C HIS B 167 3.61 5.38 4.89
N VAL B 168 3.56 4.82 6.09
CA VAL B 168 2.36 4.91 6.93
C VAL B 168 2.33 6.15 7.80
N LYS B 169 1.12 6.68 8.00
CA LYS B 169 0.88 7.82 8.86
C LYS B 169 -0.01 7.43 10.05
N ILE B 170 0.34 7.91 11.23
CA ILE B 170 -0.45 7.68 12.44
C ILE B 170 -1.72 8.53 12.38
N ALA B 171 -2.88 7.90 12.55
CA ALA B 171 -4.17 8.61 12.51
C ALA B 171 -4.98 8.33 13.76
N ASP B 172 -6.09 9.06 13.88
CA ASP B 172 -7.06 8.94 14.99
C ASP B 172 -6.52 9.34 16.34
N PHE B 173 -6.62 10.63 16.64
CA PHE B 173 -6.18 11.16 17.92
C PHE B 173 -7.33 11.32 18.93
N GLY B 174 -8.37 10.49 18.79
CA GLY B 174 -9.57 10.58 19.60
C GLY B 174 -9.43 10.22 21.05
N VAL B 175 -8.46 9.36 21.39
CA VAL B 175 -8.16 9.04 22.79
C VAL B 175 -6.76 9.51 23.23
N SER B 176 -6.13 10.39 22.44
CA SER B 176 -4.78 10.86 22.75
C SER B 176 -4.82 11.86 23.90
N ASN B 177 -3.71 11.98 24.63
CA ASN B 177 -3.61 12.95 25.74
C ASN B 177 -2.36 13.81 25.61
N GLN B 178 -2.51 15.11 25.90
CA GLN B 178 -1.39 16.03 25.99
C GLN B 178 -0.83 15.92 27.41
N PHE B 179 0.49 15.96 27.54
CA PHE B 179 1.13 15.93 28.87
C PHE B 179 2.17 17.05 29.05
N GLU B 180 2.69 17.15 30.28
CA GLU B 180 3.78 18.06 30.64
C GLU B 180 4.92 17.26 31.24
N GLY B 181 6.13 17.82 31.18
CA GLY B 181 7.31 17.12 31.66
C GLY B 181 7.68 15.97 30.75
N ASN B 182 8.24 14.90 31.34
CA ASN B 182 8.84 13.79 30.60
C ASN B 182 7.85 12.74 30.08
N ASP B 183 6.66 12.67 30.66
CA ASP B 183 5.72 11.58 30.36
C ASP B 183 4.31 11.91 30.87
N ALA B 184 3.32 11.20 30.35
CA ALA B 184 1.94 11.29 30.84
C ALA B 184 1.76 10.29 31.98
N GLN B 185 1.15 10.75 33.07
CA GLN B 185 0.77 9.90 34.18
C GLN B 185 -0.73 9.71 34.02
N LEU B 186 -1.12 8.52 33.57
CA LEU B 186 -2.49 8.22 33.17
C LEU B 186 -3.08 7.28 34.20
N SER B 187 -4.34 7.47 34.53
CA SER B 187 -4.99 6.65 35.54
C SER B 187 -6.17 5.85 35.01
N SER B 188 -6.48 5.97 33.72
CA SER B 188 -7.63 5.24 33.14
C SER B 188 -7.35 4.68 31.75
N THR B 189 -8.01 3.55 31.45
CA THR B 189 -7.88 2.86 30.18
C THR B 189 -8.57 3.64 29.07
N ALA B 190 -8.02 3.54 27.87
CA ALA B 190 -8.64 4.09 26.66
C ALA B 190 -7.88 3.57 25.45
N GLY B 191 -8.60 3.24 24.40
CA GLY B 191 -7.99 2.68 23.20
C GLY B 191 -8.65 1.36 22.90
N THR B 192 -7.89 0.45 22.32
CA THR B 192 -8.41 -0.85 21.88
C THR B 192 -7.84 -1.90 22.80
N PRO B 193 -8.70 -2.76 23.38
CA PRO B 193 -8.31 -3.79 24.35
C PRO B 193 -7.13 -4.70 23.96
N ALA B 194 -7.13 -5.21 22.74
CA ALA B 194 -6.06 -6.07 22.26
C ALA B 194 -4.67 -5.42 22.29
N PHE B 195 -4.63 -4.08 22.23
CA PHE B 195 -3.39 -3.32 22.19
C PHE B 195 -3.04 -2.61 23.50
N MET B 196 -3.83 -2.88 24.55
CA MET B 196 -3.58 -2.28 25.86
C MET B 196 -2.53 -3.07 26.62
N ALA B 197 -1.60 -2.33 27.20
CA ALA B 197 -0.53 -2.91 28.00
C ALA B 197 -1.09 -3.44 29.33
N PRO B 198 -0.44 -4.47 29.93
CA PRO B 198 -0.88 -5.05 31.21
C PRO B 198 -1.10 -4.03 32.33
N GLU B 199 -0.19 -3.07 32.45
CA GLU B 199 -0.32 -2.04 33.48
C GLU B 199 -1.58 -1.16 33.37
N ALA B 200 -2.09 -0.96 32.15
CA ALA B 200 -3.32 -0.18 31.94
C ALA B 200 -4.59 -0.92 32.32
N ILE B 201 -4.49 -2.23 32.57
CA ILE B 201 -5.63 -3.06 32.94
C ILE B 201 -5.36 -3.88 34.20
N SER B 202 -4.52 -3.36 35.10
CA SER B 202 -4.31 -3.98 36.40
C SER B 202 -5.50 -3.66 37.31
N ASP B 203 -5.54 -4.30 38.47
CA ASP B 203 -6.58 -4.03 39.47
C ASP B 203 -6.22 -2.77 40.24
N SER B 204 -6.29 -1.63 39.54
CA SER B 204 -5.86 -0.32 40.07
C SER B 204 -4.45 -0.40 40.69
N GLY B 205 -4.18 0.47 41.67
CA GLY B 205 -2.95 0.41 42.45
C GLY B 205 -1.78 1.23 41.91
N GLN B 206 -1.98 1.91 40.77
CA GLN B 206 -0.93 2.77 40.20
C GLN B 206 -1.41 3.51 38.94
N SER B 207 -0.93 4.74 38.78
CA SER B 207 -1.01 5.43 37.50
C SER B 207 0.20 4.97 36.68
N PHE B 208 0.09 5.06 35.35
CA PHE B 208 1.10 4.44 34.47
C PHE B 208 1.63 5.41 33.41
N SER B 209 2.84 5.13 32.95
CA SER B 209 3.49 5.84 31.82
C SER B 209 2.71 5.70 30.51
N GLY B 210 2.37 6.85 29.92
CA GLY B 210 1.74 6.91 28.61
C GLY B 210 2.66 6.47 27.48
N LYS B 211 3.93 6.85 27.54
CA LYS B 211 4.88 6.50 26.46
C LYS B 211 5.05 5.00 26.35
N ALA B 212 5.26 4.33 27.47
CA ALA B 212 5.37 2.88 27.48
C ALA B 212 4.10 2.17 26.97
N LEU B 213 2.92 2.73 27.28
CA LEU B 213 1.65 2.26 26.67
C LEU B 213 1.74 2.24 25.16
N ASP B 214 2.23 3.35 24.62
CA ASP B 214 2.37 3.49 23.17
C ASP B 214 3.34 2.47 22.59
N VAL B 215 4.43 2.21 23.31
CA VAL B 215 5.42 1.23 22.85
C VAL B 215 4.79 -0.16 22.84
N TRP B 216 4.08 -0.52 23.92
CA TRP B 216 3.43 -1.81 23.99
C TRP B 216 2.50 -1.98 22.79
N ALA B 217 1.70 -0.97 22.51
CA ALA B 217 0.76 -1.04 21.41
C ALA B 217 1.48 -1.19 20.04
N THR B 218 2.58 -0.48 19.89
CA THR B 218 3.40 -0.63 18.69
C THR B 218 3.97 -2.06 18.60
N GLY B 219 4.34 -2.64 19.72
CA GLY B 219 4.78 -4.04 19.75
C GLY B 219 3.69 -5.02 19.26
N VAL B 220 2.48 -4.78 19.72
CA VAL B 220 1.35 -5.61 19.27
C VAL B 220 1.18 -5.41 17.78
N THR B 221 1.31 -4.17 17.34
CA THR B 221 1.16 -3.78 15.96
C THR B 221 2.22 -4.49 15.08
N LEU B 222 3.46 -4.51 15.55
CA LEU B 222 4.58 -5.15 14.87
C LEU B 222 4.36 -6.66 14.69
N TYR B 223 3.83 -7.27 15.74
CA TYR B 223 3.45 -8.67 15.74
C TYR B 223 2.38 -8.92 14.69
N CYS B 224 1.35 -8.07 14.66
CA CYS B 224 0.32 -8.13 13.61
C CYS B 224 0.91 -8.01 12.21
N PHE B 225 1.82 -7.06 12.01
CA PHE B 225 2.42 -6.86 10.69
C PHE B 225 2.99 -8.13 10.11
N VAL B 226 3.67 -8.94 10.92
CA VAL B 226 4.31 -10.19 10.44
C VAL B 226 3.49 -11.48 10.64
N TYR B 227 2.49 -11.47 11.51
CA TYR B 227 1.62 -12.63 11.73
C TYR B 227 0.16 -12.44 11.30
N GLY B 228 -0.31 -11.21 11.12
CA GLY B 228 -1.68 -10.97 10.70
C GLY B 228 -2.75 -11.30 11.73
N LYS B 229 -2.34 -11.50 12.99
CA LYS B 229 -3.27 -11.59 14.13
C LYS B 229 -2.54 -11.08 15.35
N CYS B 230 -3.34 -10.76 16.38
CA CYS B 230 -2.79 -10.27 17.64
C CYS B 230 -2.11 -11.41 18.41
N PRO B 231 -1.13 -11.08 19.27
CA PRO B 231 -0.48 -12.07 20.10
C PRO B 231 -1.34 -12.58 21.26
N PHE B 232 -2.28 -11.77 21.74
CA PHE B 232 -3.26 -12.13 22.77
C PHE B 232 -4.65 -11.95 22.16
N ILE B 233 -5.38 -13.07 22.04
CA ILE B 233 -6.67 -13.12 21.36
C ILE B 233 -7.71 -13.75 22.29
N ASP B 234 -8.85 -13.10 22.42
CA ASP B 234 -10.04 -13.69 23.00
C ASP B 234 -11.27 -12.85 22.69
N ASP B 235 -12.35 -13.52 22.32
CA ASP B 235 -13.64 -12.86 22.09
C ASP B 235 -14.26 -12.31 23.37
N PHE B 236 -13.89 -12.84 24.53
CA PHE B 236 -14.34 -12.34 25.84
C PHE B 236 -13.31 -11.39 26.46
N ILE B 237 -13.73 -10.17 26.76
CA ILE B 237 -12.84 -9.08 27.21
C ILE B 237 -12.01 -9.47 28.44
N LEU B 238 -12.64 -10.14 29.42
CA LEU B 238 -11.95 -10.53 30.65
C LEU B 238 -10.90 -11.62 30.43
N ALA B 239 -11.14 -12.52 29.48
CA ALA B 239 -10.16 -13.55 29.11
C ALA B 239 -8.96 -12.92 28.39
N LEU B 240 -9.24 -12.05 27.42
CA LEU B 240 -8.19 -11.25 26.76
C LEU B 240 -7.32 -10.49 27.77
N HIS B 241 -7.96 -9.85 28.74
CA HIS B 241 -7.23 -9.15 29.82
C HIS B 241 -6.35 -10.08 30.63
N ARG B 242 -6.86 -11.27 30.93
CA ARG B 242 -6.08 -12.28 31.62
C ARG B 242 -4.85 -12.66 30.80
N LYS B 243 -5.05 -12.98 29.53
CA LYS B 243 -3.93 -13.38 28.65
C LYS B 243 -2.87 -12.27 28.52
N ILE B 244 -3.32 -11.04 28.34
CA ILE B 244 -2.42 -9.89 28.30
C ILE B 244 -1.56 -9.79 29.58
N LYS B 245 -2.18 -10.00 30.75
CA LYS B 245 -1.48 -9.87 32.03
C LYS B 245 -0.61 -11.07 32.41
N ASN B 246 -0.95 -12.27 31.93
CA ASN B 246 -0.35 -13.52 32.39
C ASN B 246 0.38 -14.38 31.36
N GLU B 247 -0.07 -14.39 30.12
CA GLU B 247 0.49 -15.31 29.12
C GLU B 247 1.70 -14.71 28.44
N PRO B 248 2.77 -15.51 28.24
CA PRO B 248 3.88 -14.99 27.44
C PRO B 248 3.50 -14.91 25.96
N VAL B 249 4.20 -14.04 25.23
CA VAL B 249 4.10 -13.98 23.77
C VAL B 249 4.53 -15.36 23.28
N VAL B 250 3.73 -15.91 22.36
CA VAL B 250 4.02 -17.18 21.70
C VAL B 250 4.12 -16.92 20.20
N PHE B 251 5.30 -17.13 19.63
CA PHE B 251 5.51 -16.96 18.18
C PHE B 251 5.09 -18.20 17.42
N PRO B 252 4.23 -18.05 16.40
CA PRO B 252 3.96 -19.19 15.54
C PRO B 252 5.22 -19.68 14.83
N GLU B 253 5.22 -20.95 14.44
CA GLU B 253 6.35 -21.54 13.70
C GLU B 253 6.43 -20.97 12.29
N GLU B 254 5.26 -20.81 11.67
CA GLU B 254 5.10 -20.22 10.34
C GLU B 254 4.19 -18.98 10.48
N PRO B 255 4.47 -17.91 9.75
CA PRO B 255 5.71 -17.73 8.97
C PRO B 255 6.91 -17.56 9.90
N GLU B 256 8.10 -17.78 9.36
CA GLU B 256 9.31 -17.67 10.13
C GLU B 256 9.73 -16.21 10.14
N ILE B 257 10.32 -15.78 11.26
CA ILE B 257 10.89 -14.45 11.35
C ILE B 257 12.26 -14.56 12.00
N SER B 258 13.06 -13.53 11.88
CA SER B 258 14.42 -13.53 12.43
C SER B 258 14.40 -13.50 13.96
N GLU B 259 15.51 -13.97 14.53
CA GLU B 259 15.72 -13.87 15.97
C GLU B 259 15.77 -12.42 16.41
N GLU B 260 16.29 -11.55 15.55
CA GLU B 260 16.41 -10.13 15.91
C GLU B 260 15.02 -9.50 16.06
N LEU B 261 14.09 -9.82 15.16
CA LEU B 261 12.72 -9.30 15.29
C LEU B 261 12.06 -9.83 16.56
N LYS B 262 12.22 -11.12 16.83
CA LYS B 262 11.68 -11.75 18.05
C LYS B 262 12.16 -11.02 19.28
N ASP B 263 13.46 -10.78 19.33
CA ASP B 263 14.07 -10.04 20.42
C ASP B 263 13.40 -8.66 20.58
N LEU B 264 13.23 -7.93 19.49
CA LEU B 264 12.54 -6.63 19.57
C LEU B 264 11.09 -6.76 20.07
N ILE B 265 10.36 -7.72 19.56
CA ILE B 265 8.95 -7.90 19.96
C ILE B 265 8.87 -8.24 21.44
N LEU B 266 9.70 -9.17 21.89
CA LEU B 266 9.74 -9.59 23.28
C LEU B 266 10.03 -8.43 24.21
N LYS B 267 10.94 -7.56 23.79
CA LYS B 267 11.25 -6.33 24.55
C LYS B 267 10.14 -5.27 24.55
N MET B 268 9.50 -5.05 23.40
CA MET B 268 8.34 -4.15 23.32
C MET B 268 7.15 -4.69 24.07
N LEU B 269 7.03 -6.02 24.11
CA LEU B 269 5.95 -6.69 24.83
C LEU B 269 6.36 -7.23 26.19
N ASP B 270 7.33 -6.57 26.81
CA ASP B 270 7.72 -6.80 28.18
C ASP B 270 6.56 -6.32 29.05
N LYS B 271 5.98 -7.23 29.84
CA LYS B 271 4.85 -6.89 30.70
C LYS B 271 5.20 -5.87 31.78
N ASN B 272 6.48 -5.77 32.13
CA ASN B 272 6.93 -4.76 33.07
C ASN B 272 7.26 -3.45 32.32
N PRO B 273 6.48 -2.37 32.58
CA PRO B 273 6.77 -1.11 31.92
C PRO B 273 8.08 -0.44 32.34
N GLU B 274 8.64 -0.83 33.50
CA GLU B 274 9.93 -0.28 33.95
C GLU B 274 11.06 -0.75 33.06
N THR B 275 11.00 -2.02 32.65
CA THR B 275 12.07 -2.63 31.86
C THR B 275 11.78 -2.69 30.36
N ARG B 276 10.55 -2.37 29.96
CA ARG B 276 10.16 -2.37 28.54
C ARG B 276 11.01 -1.42 27.74
N ILE B 277 11.45 -1.86 26.56
CA ILE B 277 12.29 -1.02 25.72
C ILE B 277 11.58 0.30 25.36
N GLY B 278 12.34 1.40 25.36
CA GLY B 278 11.83 2.71 25.02
C GLY B 278 12.18 3.06 23.58
N VAL B 279 11.54 4.12 23.08
CA VAL B 279 11.69 4.57 21.71
C VAL B 279 13.16 4.81 21.33
N PRO B 280 13.95 5.48 22.20
CA PRO B 280 15.37 5.68 21.82
C PRO B 280 16.15 4.37 21.58
N ASP B 281 15.96 3.36 22.43
CA ASP B 281 16.54 2.02 22.20
C ASP B 281 15.93 1.25 21.04
N ILE B 282 14.65 1.47 20.71
CA ILE B 282 14.06 0.80 19.53
C ILE B 282 14.76 1.34 18.28
N LYS B 283 14.96 2.65 18.22
CA LYS B 283 15.69 3.27 17.11
C LYS B 283 17.09 2.65 16.90
N LEU B 284 17.74 2.25 17.99
CA LEU B 284 19.06 1.60 17.96
C LEU B 284 19.04 0.07 17.81
N HIS B 285 17.86 -0.55 17.89
CA HIS B 285 17.79 -2.02 17.84
C HIS B 285 18.36 -2.59 16.52
N PRO B 286 19.12 -3.71 16.60
CA PRO B 286 19.73 -4.32 15.38
C PRO B 286 18.76 -4.66 14.25
N TRP B 287 17.59 -5.20 14.60
CA TRP B 287 16.52 -5.40 13.61
C TRP B 287 16.14 -4.10 12.90
N VAL B 288 16.03 -3.01 13.66
CA VAL B 288 15.56 -1.72 13.12
C VAL B 288 16.62 -1.03 12.24
N THR B 289 17.90 -1.22 12.56
CA THR B 289 18.98 -0.53 11.87
C THR B 289 19.53 -1.29 10.64
N LYS B 290 18.92 -2.43 10.28
CA LYS B 290 19.29 -3.26 9.12
C LYS B 290 20.15 -4.41 9.57
CAJ H1N C . -12.10 2.07 -5.06
CAL H1N C . -13.56 2.45 -5.19
CAW H1N C . -13.79 3.89 -4.79
CAV H1N C . -12.85 4.82 -5.52
CAK H1N C . -11.40 4.35 -5.41
NAI H1N C . -11.23 2.96 -5.87
CAH H1N C . -9.82 2.56 -5.81
CAG H1N C . -9.52 1.25 -6.51
CAS H1N C . -9.43 1.18 -7.89
CAR H1N C . -9.20 -0.03 -8.54
CAF H1N C . -9.39 0.07 -5.78
CAE H1N C . -9.16 -1.13 -6.42
CAQ H1N C . -9.06 -1.20 -7.80
NAP H1N C . -8.83 -2.49 -8.37
CAO H1N C . -8.65 -2.99 -9.67
CAN H1N C . -8.50 -2.05 -10.79
CAM H1N C . -9.53 -1.86 -11.70
CAC H1N C . -9.35 -1.03 -12.80
CAA H1N C . -8.15 -0.36 -12.97
CAB H1N C . -7.13 -0.52 -12.05
CAD H1N C . -7.30 -1.36 -10.98
CBD H1N C . -8.55 -4.36 -9.85
CBC H1N C . -8.24 -5.18 -11.02
CBB H1N C . -7.96 -4.92 -12.37
CBJ H1N C . -8.70 -5.32 -8.72
OBK H1N C . -8.98 -5.06 -7.56
NBI H1N C . -8.45 -6.56 -9.23
CBH H1N C . -8.18 -6.51 -10.58
CBG H1N C . -7.87 -7.55 -11.44
CBF H1N C . -7.60 -7.28 -12.77
CBA H1N C . -7.61 -5.97 -13.24
NAZ H1N C . -7.19 -5.74 -14.59
SAY H1N C . -7.05 -4.32 -15.37
OBE H1N C . -8.24 -3.55 -15.13
OAU H1N C . -6.66 -4.61 -16.71
CAX H1N C . -5.67 -3.69 -14.46
CAT H1N C . -5.40 -2.24 -14.77
S SCN D . -3.30 -9.83 -28.03
C SCN D . -2.20 -9.04 -29.05
N SCN D . -1.45 -8.52 -29.76
CAJ H1N E . -11.34 -0.15 2.26
CAL H1N E . -10.35 -1.16 2.82
CAW H1N E . -9.20 -1.41 1.85
CAV H1N E . -8.59 -0.11 1.33
CAK H1N E . -9.67 0.84 0.84
NAI H1N E . -10.64 1.09 1.93
CAH H1N E . -11.56 2.19 1.62
CAG H1N E . -11.11 3.47 2.28
CAS H1N E . -11.65 3.89 3.48
CAR H1N E . -11.12 4.97 4.17
CAF H1N E . -10.04 4.19 1.75
CAE H1N E . -9.49 5.27 2.45
CAQ H1N E . -10.02 5.66 3.67
NAP H1N E . -9.34 6.69 4.35
CAO H1N E . -9.48 7.27 5.59
CAN H1N E . -10.22 6.54 6.65
CAM H1N E . -11.39 7.06 7.18
CAC H1N E . -12.05 6.39 8.21
CAA H1N E . -11.55 5.20 8.70
CAB H1N E . -10.39 4.68 8.17
CAD H1N E . -9.72 5.34 7.16
CBD H1N E . -8.82 8.47 5.87
CBC H1N E . -8.59 9.19 7.11
CBB H1N E . -8.97 8.99 8.44
CBJ H1N E . -8.08 9.25 4.81
OBK H1N E . -7.94 8.96 3.63
NBI H1N E . -7.51 10.30 5.44
CBH H1N E . -7.78 10.30 6.80
CBG H1N E . -7.33 11.17 7.78
CBF H1N E . -7.71 10.96 9.10
CBA H1N E . -8.53 9.87 9.43
NAZ H1N E . -8.87 9.71 10.81
SAY H1N E . -9.75 8.52 11.48
OBE H1N E . -10.94 8.32 10.72
OAU H1N E . -9.85 8.84 12.88
CAX H1N E . -8.61 7.19 11.27
CAT H1N E . -9.22 5.87 11.67
C1 EDO F . 11.76 10.62 22.70
O1 EDO F . 11.07 9.61 21.95
C2 EDO F . 10.78 11.29 23.66
O2 EDO F . 10.26 10.34 24.60
#